data_8GJN
#
_entry.id   8GJN
#
_cell.length_a   1.00
_cell.length_b   1.00
_cell.length_c   1.00
_cell.angle_alpha   90.00
_cell.angle_beta   90.00
_cell.angle_gamma   90.00
#
_symmetry.space_group_name_H-M   'P 1'
#
loop_
_entity.id
_entity.type
_entity.pdbx_description
1 polymer 'Heavy chain of 17B10 Fab'
2 polymer 'Light chain of 17B10 Fab'
3 polymer "Spike protein S2'"
4 non-polymer 2-acetamido-2-deoxy-beta-D-glucopyranose
#
loop_
_entity_poly.entity_id
_entity_poly.type
_entity_poly.pdbx_seq_one_letter_code
_entity_poly.pdbx_strand_id
1 'polypeptide(L)'
;MGWSWIFLFLLSGTAGVLSEVQLQQSGPELVKPGASVRISCKTSGYTFTEYSMFWVKQSHGQSLEWIGGINPNDDSTTYK
QNFKGKATLTVDKSSSTAFMELRSLTSEDSAVYYCTRDRYDGRVVDFWGQGTTLTVSS
;
A
2 'polypeptide(L)'
;MRVPAHVFGFLLLWFPGTRCDIQMTQSPSSLSASLGERVSLICRASQEISGYLSWLQQKPDGTIKRLIYAASTLDSGVPK
RFSGSRSGSEYSLTISSPESEDFADYYCLQYASYPWTFGGGTKLEIK
;
B
3 'polypeptide(L)'
;TNLCPFGEVFNATRFASVYAWNRKRISNCVADYSVLYNSASFSTFKCYGVSPTKLNDLCFTNVYADSFVIRGDEVRQIAP
GQTGKIADYNYKLPDDFTGCVIAWNSNNLDSKVGGNYNYLYRLFRKSNLKPFERDISTEIYQAGSTPCNGVEGFNCYFPL
QSYGFQPTNGVGYQPYRVVVLSFELLHAPATVCGPKKS
;
C
#
loop_
_chem_comp.id
_chem_comp.type
_chem_comp.name
_chem_comp.formula
NAG D-saccharide, beta linking 2-acetamido-2-deoxy-beta-D-glucopyranose 'C8 H15 N O6'
#
# COMPACT_ATOMS: atom_id res chain seq x y z
N GLU A 20 -12.68 16.65 -0.35
CA GLU A 20 -12.97 16.81 1.09
C GLU A 20 -13.13 15.44 1.75
N VAL A 21 -12.35 15.16 2.80
CA VAL A 21 -12.48 13.89 3.49
C VAL A 21 -13.67 13.88 4.43
N GLN A 22 -14.51 12.84 4.31
CA GLN A 22 -15.71 12.74 5.17
C GLN A 22 -16.05 11.26 5.39
N LEU A 23 -15.88 10.77 6.63
CA LEU A 23 -16.24 9.37 6.95
C LEU A 23 -17.72 9.33 7.37
N GLN A 24 -18.62 9.66 6.43
CA GLN A 24 -20.08 9.63 6.73
C GLN A 24 -20.43 8.27 7.34
N GLN A 25 -21.14 8.27 8.47
CA GLN A 25 -21.43 6.99 9.17
C GLN A 25 -22.92 6.92 9.55
N SER A 26 -23.34 5.83 10.19
CA SER A 26 -24.78 5.64 10.52
C SER A 26 -25.16 6.45 11.76
N GLY A 27 -26.44 6.83 11.89
CA GLY A 27 -26.92 7.55 13.07
C GLY A 27 -27.25 6.65 14.27
N PRO A 28 -27.53 7.25 15.44
CA PRO A 28 -27.81 6.54 16.69
C PRO A 28 -28.84 5.42 16.56
N GLU A 29 -28.57 4.28 17.19
CA GLU A 29 -29.24 3.01 16.94
C GLU A 29 -29.52 2.23 18.24
N LEU A 30 -30.67 1.57 18.30
CA LEU A 30 -31.14 0.78 19.44
C LEU A 30 -31.78 -0.52 18.98
N VAL A 31 -31.49 -1.62 19.67
CA VAL A 31 -32.20 -2.89 19.53
C VAL A 31 -32.23 -3.59 20.89
N LYS A 32 -33.26 -4.40 21.17
CA LYS A 32 -33.32 -5.17 22.42
C LYS A 32 -32.23 -6.26 22.45
N PRO A 33 -31.69 -6.65 23.63
CA PRO A 33 -30.55 -7.56 23.71
C PRO A 33 -30.75 -8.95 23.08
N GLY A 34 -29.62 -9.63 22.81
CA GLY A 34 -29.69 -10.94 22.16
C GLY A 34 -30.04 -10.80 20.68
N ALA A 35 -29.33 -9.92 19.96
CA ALA A 35 -29.64 -9.67 18.54
C ALA A 35 -28.38 -9.23 17.79
N SER A 36 -28.55 -8.66 16.59
CA SER A 36 -27.39 -8.18 15.80
C SER A 36 -27.67 -6.74 15.32
N VAL A 37 -26.71 -6.12 14.61
CA VAL A 37 -26.90 -4.70 14.20
C VAL A 37 -26.09 -4.39 12.95
N ARG A 38 -26.59 -3.48 12.09
CA ARG A 38 -25.87 -3.07 10.89
C ARG A 38 -25.30 -1.67 11.06
N ILE A 39 -24.01 -1.50 10.73
CA ILE A 39 -23.35 -0.21 10.86
C ILE A 39 -22.45 0.15 9.67
N SER A 40 -22.82 1.18 8.93
CA SER A 40 -22.06 1.63 7.76
C SER A 40 -21.16 2.81 8.10
N CYS A 41 -20.10 2.99 7.32
CA CYS A 41 -19.23 4.17 7.30
C CYS A 41 -18.81 4.46 5.86
N LYS A 42 -19.51 5.39 5.21
CA LYS A 42 -19.19 5.83 3.86
C LYS A 42 -17.95 6.71 3.91
N THR A 43 -17.05 6.55 2.95
CA THR A 43 -15.81 7.32 2.87
C THR A 43 -15.67 8.03 1.53
N SER A 44 -14.98 9.18 1.51
CA SER A 44 -14.96 10.10 0.37
C SER A 44 -13.74 11.04 0.40
N GLY A 45 -13.45 11.67 -0.73
CA GLY A 45 -12.28 12.54 -0.91
C GLY A 45 -10.97 11.79 -1.23
N TYR A 46 -11.02 10.47 -1.42
CA TYR A 46 -9.87 9.65 -1.83
C TYR A 46 -10.32 8.39 -2.58
N THR A 47 -9.42 7.74 -3.31
CA THR A 47 -9.69 6.43 -3.94
C THR A 47 -9.67 5.33 -2.89
N PHE A 48 -10.81 4.66 -2.67
CA PHE A 48 -11.09 3.88 -1.46
C PHE A 48 -10.05 2.78 -1.17
N THR A 49 -9.53 2.12 -2.20
CA THR A 49 -8.52 1.05 -2.09
C THR A 49 -7.08 1.54 -1.86
N GLU A 50 -6.82 2.83 -1.76
CA GLU A 50 -5.47 3.38 -1.48
C GLU A 50 -5.15 3.47 0.03
N TYR A 51 -6.14 3.22 0.90
CA TYR A 51 -6.02 3.32 2.36
C TYR A 51 -6.69 2.12 3.05
N SER A 52 -6.15 1.71 4.20
CA SER A 52 -6.74 0.69 5.07
C SER A 52 -7.87 1.26 5.92
N MET A 53 -8.81 0.43 6.40
CA MET A 53 -9.88 0.84 7.31
C MET A 53 -9.81 0.09 8.64
N PHE A 54 -9.95 0.82 9.75
CA PHE A 54 -9.93 0.23 11.08
C PHE A 54 -11.16 0.70 11.84
N TRP A 55 -11.36 0.19 13.06
CA TRP A 55 -12.51 0.56 13.87
C TRP A 55 -12.18 0.73 15.35
N VAL A 56 -12.99 1.52 16.05
CA VAL A 56 -12.79 1.77 17.47
C VAL A 56 -14.12 1.74 18.23
N LYS A 57 -14.09 1.21 19.45
CA LYS A 57 -15.32 1.17 20.31
C LYS A 57 -15.06 2.01 21.55
N GLN A 58 -15.78 3.12 21.71
CA GLN A 58 -15.62 4.00 22.90
C GLN A 58 -16.91 4.02 23.72
N SER A 59 -16.86 3.51 24.96
CA SER A 59 -18.07 3.45 25.81
C SER A 59 -18.32 4.81 26.48
N HIS A 60 -19.51 5.00 27.04
CA HIS A 60 -19.84 6.28 27.74
C HIS A 60 -19.00 6.40 29.02
N GLY A 61 -18.80 5.27 29.72
CA GLY A 61 -18.06 5.30 31.00
C GLY A 61 -16.74 4.55 30.91
N GLN A 62 -16.22 4.34 29.69
CA GLN A 62 -14.92 3.65 29.50
C GLN A 62 -14.16 4.29 28.33
N SER A 63 -12.84 4.07 28.24
CA SER A 63 -12.02 4.67 27.16
C SER A 63 -12.29 3.96 25.82
N LEU A 64 -11.68 4.44 24.74
CA LEU A 64 -11.89 3.84 23.39
C LEU A 64 -11.01 2.60 23.23
N GLU A 65 -11.48 1.62 22.44
CA GLU A 65 -10.72 0.36 22.22
C GLU A 65 -10.72 0.03 20.73
N TRP A 66 -9.65 -0.59 20.23
CA TRP A 66 -9.54 -0.90 18.77
C TRP A 66 -10.25 -2.22 18.47
N ILE A 67 -11.33 -2.17 17.69
CA ILE A 67 -12.08 -3.41 17.32
C ILE A 67 -11.25 -4.21 16.31
N GLY A 68 -10.77 -3.54 15.26
CA GLY A 68 -10.00 -4.24 14.19
C GLY A 68 -10.08 -3.49 12.87
N GLY A 69 -9.53 -4.05 11.80
CA GLY A 69 -9.49 -3.30 10.54
C GLY A 69 -9.60 -4.19 9.32
N ILE A 70 -10.31 -3.71 8.29
CA ILE A 70 -10.40 -4.49 7.02
C ILE A 70 -9.81 -3.64 5.89
N ASN A 71 -8.53 -3.83 5.57
CA ASN A 71 -8.00 -3.13 4.37
C ASN A 71 -8.90 -3.57 3.23
N PRO A 72 -9.59 -2.66 2.50
CA PRO A 72 -10.54 -3.10 1.49
C PRO A 72 -9.91 -3.62 0.20
N ASN A 73 -8.80 -3.02 -0.23
CA ASN A 73 -8.20 -3.40 -1.49
C ASN A 73 -7.82 -4.84 -1.57
N ASP A 74 -7.20 -5.38 -0.54
CA ASP A 74 -6.83 -6.77 -0.61
C ASP A 74 -7.85 -7.68 0.02
N ASP A 75 -8.91 -7.07 0.56
CA ASP A 75 -9.93 -7.87 1.31
C ASP A 75 -9.21 -8.59 2.48
N SER A 76 -8.28 -7.90 3.16
CA SER A 76 -7.55 -8.49 4.31
C SER A 76 -8.19 -8.04 5.62
N THR A 77 -8.09 -8.85 6.69
CA THR A 77 -8.80 -8.48 7.95
C THR A 77 -8.02 -8.87 9.21
N THR A 78 -7.80 -7.92 10.13
CA THR A 78 -7.19 -8.21 11.44
C THR A 78 -8.03 -7.63 12.57
N TYR A 79 -7.95 -8.17 13.79
CA TYR A 79 -8.79 -7.79 14.93
C TYR A 79 -8.03 -7.80 16.26
N LYS A 80 -8.56 -7.11 17.29
CA LYS A 80 -8.20 -7.40 18.68
C LYS A 80 -8.81 -8.74 19.09
N GLN A 81 -7.98 -9.61 19.67
CA GLN A 81 -8.42 -10.95 20.09
C GLN A 81 -9.74 -10.94 20.88
N ASN A 82 -9.94 -9.92 21.69
CA ASN A 82 -11.15 -9.78 22.49
C ASN A 82 -12.42 -9.60 21.65
N PHE A 83 -12.32 -8.82 20.58
CA PHE A 83 -13.47 -8.54 19.72
C PHE A 83 -13.64 -9.48 18.53
N LYS A 84 -12.56 -10.17 18.15
CA LYS A 84 -12.61 -11.11 17.01
C LYS A 84 -13.79 -12.08 17.04
N GLY A 85 -14.18 -12.53 18.24
CA GLY A 85 -15.31 -13.43 18.48
C GLY A 85 -16.71 -12.80 18.43
N LYS A 86 -16.84 -11.48 18.18
CA LYS A 86 -18.13 -10.75 18.21
C LYS A 86 -18.28 -9.65 17.15
N ALA A 87 -17.16 -9.11 16.66
CA ALA A 87 -17.08 -8.24 15.47
C ALA A 87 -17.13 -9.03 14.15
N THR A 88 -17.45 -8.34 13.06
CA THR A 88 -17.21 -8.80 11.67
C THR A 88 -17.14 -7.59 10.76
N LEU A 89 -15.95 -7.29 10.23
CA LEU A 89 -15.70 -6.15 9.35
C LEU A 89 -15.73 -6.56 7.87
N THR A 90 -16.27 -5.65 7.06
CA THR A 90 -16.53 -5.84 5.63
C THR A 90 -16.44 -4.49 4.91
N VAL A 91 -16.32 -4.51 3.60
CA VAL A 91 -16.47 -3.32 2.74
C VAL A 91 -17.25 -3.71 1.50
N ASP A 92 -17.83 -2.73 0.82
CA ASP A 92 -18.29 -2.91 -0.56
C ASP A 92 -17.65 -1.84 -1.49
N LYS A 93 -16.90 -2.28 -2.50
CA LYS A 93 -16.11 -1.38 -3.36
C LYS A 93 -16.99 -0.45 -4.19
N SER A 94 -18.08 -0.96 -4.76
CA SER A 94 -19.01 -0.18 -5.60
C SER A 94 -19.74 0.89 -4.82
N SER A 95 -20.11 0.60 -3.56
CA SER A 95 -20.60 1.58 -2.59
C SER A 95 -19.50 2.46 -2.01
N SER A 96 -18.24 2.04 -2.13
CA SER A 96 -17.05 2.67 -1.54
C SER A 96 -17.24 2.98 -0.06
N THR A 97 -17.77 1.99 0.66
CA THR A 97 -18.27 2.11 2.03
C THR A 97 -17.75 0.97 2.88
N ALA A 98 -17.36 1.25 4.12
CA ALA A 98 -17.05 0.23 5.10
C ALA A 98 -18.31 -0.17 5.87
N PHE A 99 -18.34 -1.42 6.33
CA PHE A 99 -19.47 -1.95 7.10
C PHE A 99 -19.08 -2.93 8.23
N MET A 100 -19.52 -2.61 9.44
CA MET A 100 -19.32 -3.41 10.65
C MET A 100 -20.60 -4.14 11.05
N GLU A 101 -20.54 -5.45 11.27
CA GLU A 101 -21.63 -6.25 11.87
C GLU A 101 -21.29 -6.68 13.30
N LEU A 102 -22.25 -6.51 14.20
CA LEU A 102 -22.06 -6.96 15.61
C LEU A 102 -23.14 -8.00 15.92
N ARG A 103 -22.78 -9.09 16.59
CA ARG A 103 -23.76 -10.19 16.84
C ARG A 103 -23.94 -10.40 18.34
N SER A 104 -24.99 -11.11 18.74
CA SER A 104 -25.26 -11.38 20.18
C SER A 104 -25.17 -10.08 20.97
N LEU A 105 -26.04 -9.12 20.68
CA LEU A 105 -25.98 -7.79 21.35
C LEU A 105 -26.33 -7.96 22.84
N THR A 106 -25.33 -8.02 23.71
CA THR A 106 -25.52 -8.19 25.16
C THR A 106 -25.33 -6.86 25.91
N SER A 107 -25.31 -6.90 27.25
CA SER A 107 -24.85 -5.80 28.11
C SER A 107 -23.39 -5.36 27.89
N GLU A 108 -22.58 -6.13 27.15
CA GLU A 108 -21.22 -5.72 26.75
C GLU A 108 -21.20 -4.83 25.50
N ASP A 109 -22.26 -4.88 24.70
CA ASP A 109 -22.29 -4.39 23.32
C ASP A 109 -23.02 -3.04 23.19
N SER A 110 -22.51 -2.00 23.83
CA SER A 110 -23.04 -0.65 23.70
C SER A 110 -21.96 0.39 23.94
N ALA A 111 -21.82 1.30 22.98
CA ALA A 111 -20.75 2.30 22.91
C ALA A 111 -21.04 3.32 21.81
N VAL A 112 -20.26 4.40 21.77
CA VAL A 112 -20.00 5.13 20.54
C VAL A 112 -18.99 4.35 19.73
N TYR A 113 -19.37 3.83 18.55
CA TYR A 113 -18.45 3.13 17.66
C TYR A 113 -17.98 4.09 16.55
N TYR A 114 -16.71 3.97 16.17
CA TYR A 114 -16.00 4.93 15.33
C TYR A 114 -15.24 4.22 14.21
N CYS A 115 -15.30 4.76 12.98
CA CYS A 115 -14.48 4.21 11.86
C CYS A 115 -13.25 5.08 11.63
N THR A 116 -12.16 4.50 11.11
CA THR A 116 -10.92 5.28 10.82
C THR A 116 -10.22 4.68 9.59
N ARG A 117 -9.36 5.46 8.92
CA ARG A 117 -8.62 4.97 7.72
C ARG A 117 -7.12 5.21 7.93
N ASP A 118 -6.24 4.38 7.33
CA ASP A 118 -4.79 4.51 7.61
C ASP A 118 -3.91 4.28 6.37
N ARG A 119 -2.59 4.40 6.51
CA ARG A 119 -1.59 4.22 5.43
C ARG A 119 -0.20 4.30 6.09
N TYR A 120 0.90 4.05 5.36
CA TYR A 120 2.27 4.08 5.88
C TYR A 120 2.90 5.48 5.77
N ASP A 121 2.67 6.15 4.65
CA ASP A 121 3.11 7.51 4.35
C ASP A 121 2.27 8.55 5.10
N GLY A 122 2.50 8.60 6.42
CA GLY A 122 2.10 9.67 7.34
C GLY A 122 0.61 9.79 7.67
N ARG A 123 -0.23 9.39 6.72
CA ARG A 123 -1.70 9.44 6.93
C ARG A 123 -2.10 8.28 7.84
N VAL A 124 -1.93 8.45 9.15
CA VAL A 124 -2.21 7.34 10.10
C VAL A 124 -3.29 7.76 11.09
N VAL A 125 -4.37 6.97 11.23
CA VAL A 125 -5.43 7.25 12.25
C VAL A 125 -5.61 8.77 12.39
N ASP A 126 -5.85 9.46 11.28
CA ASP A 126 -5.96 10.94 11.33
C ASP A 126 -7.44 11.37 11.37
N PHE A 127 -8.19 11.09 10.31
CA PHE A 127 -9.60 11.56 10.24
C PHE A 127 -10.53 10.42 10.69
N TRP A 128 -11.67 10.76 11.29
CA TRP A 128 -12.56 9.71 11.87
C TRP A 128 -14.03 9.94 11.50
N GLY A 129 -14.87 8.91 11.63
CA GLY A 129 -16.33 9.08 11.46
C GLY A 129 -16.94 9.87 12.60
N GLN A 130 -18.21 10.25 12.49
CA GLN A 130 -18.86 11.09 13.53
C GLN A 130 -18.88 10.37 14.88
N GLY A 131 -19.30 9.10 14.90
CA GLY A 131 -19.41 8.35 16.17
C GLY A 131 -20.79 7.71 16.30
N THR A 132 -20.91 6.44 15.88
CA THR A 132 -22.22 5.73 15.94
C THR A 132 -22.45 5.21 17.37
N THR A 133 -23.39 5.81 18.11
CA THR A 133 -23.65 5.41 19.51
C THR A 133 -24.61 4.21 19.52
N LEU A 134 -24.11 3.01 19.23
CA LEU A 134 -24.97 1.79 19.31
C LEU A 134 -25.45 1.63 20.75
N THR A 135 -26.76 1.44 20.94
CA THR A 135 -27.30 1.22 22.30
C THR A 135 -28.08 -0.10 22.30
N VAL A 136 -27.85 -0.95 23.30
CA VAL A 136 -28.59 -2.18 23.39
C VAL A 136 -29.24 -2.15 24.75
N SER A 137 -30.37 -1.46 24.84
CA SER A 137 -31.16 -1.32 26.06
C SER A 137 -32.65 -1.28 25.76
N SER A 138 -33.46 -1.66 26.73
CA SER A 138 -34.91 -1.66 26.55
C SER A 138 -35.64 -1.01 27.71
N ILE B 22 -0.55 -5.69 24.92
CA ILE B 22 0.39 -4.78 25.66
C ILE B 22 -0.03 -3.34 25.41
N GLN B 23 -0.18 -2.54 26.48
CA GLN B 23 -0.56 -1.11 26.33
C GLN B 23 0.34 -0.27 27.24
N MET B 24 0.49 1.02 26.91
CA MET B 24 1.31 1.94 27.76
C MET B 24 0.37 2.67 28.71
N THR B 25 0.90 3.33 29.75
CA THR B 25 0.02 3.95 30.77
C THR B 25 0.13 5.48 30.74
N GLN B 26 -1.00 6.17 30.54
CA GLN B 26 -0.97 7.66 30.63
C GLN B 26 -0.87 8.03 32.11
N SER B 27 0.17 8.79 32.49
CA SER B 27 0.38 9.11 33.93
C SER B 27 -0.93 9.56 34.59
N PRO B 28 -1.59 10.66 34.16
CA PRO B 28 -2.73 11.21 34.89
C PRO B 28 -4.10 10.83 34.31
N SER B 29 -5.15 10.93 35.12
CA SER B 29 -6.53 10.68 34.61
C SER B 29 -7.15 12.02 34.27
N SER B 30 -6.99 13.01 35.15
CA SER B 30 -7.48 14.37 34.86
C SER B 30 -6.46 15.42 35.35
N LEU B 31 -6.40 16.55 34.65
CA LEU B 31 -5.47 17.65 34.91
C LEU B 31 -6.17 19.00 34.70
N SER B 32 -5.98 19.94 35.63
CA SER B 32 -6.70 21.23 35.67
C SER B 32 -5.76 22.42 35.52
N ALA B 33 -6.21 23.49 34.87
CA ALA B 33 -5.38 24.64 34.56
C ALA B 33 -6.17 25.95 34.41
N SER B 34 -5.47 27.07 34.53
CA SER B 34 -5.92 28.36 33.98
C SER B 34 -5.58 28.45 32.49
N LEU B 35 -6.10 29.44 31.77
CA LEU B 35 -5.62 29.76 30.42
C LEU B 35 -4.19 30.34 30.52
N GLY B 36 -3.28 29.85 29.68
CA GLY B 36 -1.88 30.33 29.71
C GLY B 36 -0.97 29.37 30.45
N GLU B 37 -1.53 28.48 31.27
CA GLU B 37 -0.71 27.54 32.08
C GLU B 37 -0.09 26.47 31.17
N ARG B 38 1.13 26.02 31.51
CA ARG B 38 1.81 24.95 30.71
C ARG B 38 1.14 23.61 31.01
N VAL B 39 0.94 22.77 30.00
CA VAL B 39 0.27 21.48 30.19
C VAL B 39 1.12 20.39 29.55
N SER B 40 1.54 19.44 30.38
CA SER B 40 2.30 18.24 30.04
C SER B 40 1.39 17.01 30.20
N LEU B 41 1.36 16.16 29.17
CA LEU B 41 0.58 14.93 29.10
C LEU B 41 1.52 13.79 28.72
N ILE B 42 1.51 12.70 29.48
CA ILE B 42 2.50 11.62 29.40
C ILE B 42 1.79 10.29 29.18
N CYS B 43 2.45 9.41 28.45
CA CYS B 43 2.09 8.03 28.14
C CYS B 43 3.37 7.18 28.25
N ARG B 44 3.63 6.68 29.46
CA ARG B 44 4.92 5.96 29.72
C ARG B 44 4.86 4.54 29.15
N ALA B 45 6.02 3.94 28.91
CA ALA B 45 6.08 2.63 28.28
C ALA B 45 6.73 1.54 29.16
N SER B 46 6.08 0.37 29.23
CA SER B 46 6.65 -0.84 29.85
C SER B 46 7.62 -1.60 28.93
N GLN B 47 7.37 -1.52 27.62
CA GLN B 47 8.27 -2.16 26.64
C GLN B 47 8.51 -1.15 25.51
N GLU B 48 9.69 -1.16 24.91
CA GLU B 48 10.02 -0.17 23.84
C GLU B 48 9.10 -0.38 22.63
N ILE B 49 8.31 0.63 22.28
CA ILE B 49 7.41 0.52 21.08
C ILE B 49 8.16 1.09 19.87
N SER B 50 9.50 1.19 19.96
CA SER B 50 10.32 1.69 18.83
C SER B 50 9.85 3.07 18.37
N GLY B 51 9.26 3.86 19.27
CA GLY B 51 8.86 5.24 18.94
C GLY B 51 7.64 5.28 18.02
N TYR B 52 6.84 4.22 17.98
CA TYR B 52 5.58 4.26 17.19
C TYR B 52 4.41 4.61 18.11
N LEU B 53 3.78 5.77 17.91
CA LEU B 53 2.72 6.26 18.79
C LEU B 53 2.06 7.52 18.23
N SER B 54 0.75 7.66 18.44
CA SER B 54 -0.05 8.81 18.00
C SER B 54 -0.91 9.39 19.12
N TRP B 55 -1.09 10.70 19.17
CA TRP B 55 -1.95 11.40 20.13
C TRP B 55 -3.27 11.86 19.49
N LEU B 56 -4.37 11.61 20.20
CA LEU B 56 -5.71 12.01 19.69
C LEU B 56 -6.43 12.81 20.78
N GLN B 57 -7.26 13.78 20.39
CA GLN B 57 -8.05 14.55 21.39
C GLN B 57 -9.54 14.24 21.20
N GLN B 58 -10.28 14.04 22.29
CA GLN B 58 -11.71 13.66 22.17
C GLN B 58 -12.60 14.63 22.96
N LYS B 59 -13.47 15.38 22.26
CA LYS B 59 -14.42 16.26 22.94
C LYS B 59 -15.46 15.41 23.69
N PRO B 60 -15.93 15.77 24.90
CA PRO B 60 -17.03 15.05 25.57
C PRO B 60 -18.31 14.91 24.73
N ASP B 61 -18.51 15.82 23.78
CA ASP B 61 -19.47 15.76 22.69
C ASP B 61 -18.81 15.27 21.38
N GLY B 62 -18.12 14.13 21.47
CA GLY B 62 -17.93 13.14 20.40
C GLY B 62 -16.93 13.44 19.27
N THR B 63 -16.33 14.63 19.25
CA THR B 63 -15.39 15.02 18.18
C THR B 63 -14.01 14.40 18.42
N ILE B 64 -13.61 13.43 17.59
CA ILE B 64 -12.26 12.83 17.57
C ILE B 64 -11.43 13.39 16.41
N LYS B 65 -10.16 13.71 16.67
CA LYS B 65 -9.19 14.16 15.66
C LYS B 65 -7.76 13.91 16.12
N ARG B 66 -6.85 13.52 15.21
CA ARG B 66 -5.43 13.30 15.50
C ARG B 66 -4.67 14.59 15.77
N LEU B 67 -3.78 14.55 16.74
CA LEU B 67 -2.85 15.61 17.09
C LEU B 67 -1.45 15.33 16.56
N ILE B 68 -0.86 14.20 16.97
CA ILE B 68 0.56 13.88 16.77
C ILE B 68 0.70 12.43 16.32
N TYR B 69 1.73 12.12 15.53
CA TYR B 69 2.12 10.78 15.11
C TYR B 69 3.65 10.67 14.97
N ALA B 70 4.14 9.44 14.80
CA ALA B 70 5.60 9.21 14.69
C ALA B 70 6.31 9.74 15.95
N ALA B 71 7.51 10.31 15.78
CA ALA B 71 8.20 10.96 16.92
C ALA B 71 8.09 12.48 16.75
N SER B 72 7.19 13.14 17.48
CA SER B 72 7.00 14.61 17.38
C SER B 72 6.74 15.03 15.94
N THR B 73 5.78 14.40 15.27
CA THR B 73 5.41 14.76 13.88
C THR B 73 3.90 14.95 13.79
N LEU B 74 3.44 16.00 13.09
CA LEU B 74 1.98 16.23 12.91
C LEU B 74 1.72 16.61 11.45
N ASP B 75 0.48 16.43 10.98
CA ASP B 75 0.15 16.72 9.56
C ASP B 75 -1.26 17.32 9.48
N SER B 76 -1.83 17.39 8.27
CA SER B 76 -3.21 17.92 8.08
C SER B 76 -3.33 19.29 8.77
N GLY B 77 -4.30 19.44 9.67
CA GLY B 77 -4.48 20.72 10.40
C GLY B 77 -4.49 20.51 11.90
N VAL B 78 -3.35 20.71 12.56
CA VAL B 78 -3.24 20.49 14.04
C VAL B 78 -3.25 21.86 14.73
N PRO B 79 -4.04 22.05 15.81
CA PRO B 79 -4.14 23.36 16.48
C PRO B 79 -2.75 23.96 16.76
N LYS B 80 -2.52 25.19 16.29
CA LYS B 80 -1.22 25.88 16.52
C LYS B 80 -0.07 24.92 16.21
N ARG B 81 0.93 24.83 17.10
CA ARG B 81 2.08 23.93 16.88
C ARG B 81 2.40 23.20 18.20
N PHE B 82 1.48 22.37 18.68
CA PHE B 82 1.71 21.60 19.93
C PHE B 82 2.38 20.27 19.59
N SER B 83 3.57 20.01 20.16
CA SER B 83 4.31 18.77 19.84
C SER B 83 4.95 18.19 21.10
N GLY B 84 5.18 16.87 21.13
CA GLY B 84 5.82 16.22 22.28
C GLY B 84 7.21 15.72 21.91
N SER B 85 7.63 14.58 22.48
CA SER B 85 8.97 14.00 22.19
C SER B 85 9.09 12.61 22.81
N ARG B 86 9.99 11.77 22.28
CA ARG B 86 10.21 10.44 22.92
C ARG B 86 11.12 10.65 24.14
N SER B 87 10.52 10.94 25.30
CA SER B 87 11.31 11.20 26.53
C SER B 87 11.86 9.88 27.07
N GLY B 88 12.88 9.32 26.42
CA GLY B 88 13.44 8.03 26.85
C GLY B 88 12.36 6.96 26.96
N SER B 89 12.06 6.54 28.19
CA SER B 89 11.04 5.48 28.41
C SER B 89 9.64 6.07 28.32
N GLU B 90 9.52 7.40 28.24
CA GLU B 90 8.19 8.02 28.24
C GLU B 90 7.87 8.67 26.88
N TYR B 91 6.59 8.64 26.50
CA TYR B 91 6.05 9.35 25.34
C TYR B 91 5.16 10.48 25.82
N SER B 92 5.15 11.59 25.09
CA SER B 92 4.71 12.88 25.65
C SER B 92 3.89 13.70 24.68
N LEU B 93 3.08 14.59 25.23
CA LEU B 93 2.49 15.73 24.56
C LEU B 93 2.67 16.97 25.46
N THR B 94 3.04 18.09 24.88
CA THR B 94 3.21 19.38 25.58
C THR B 94 2.71 20.50 24.67
N ILE B 95 2.05 21.50 25.24
CA ILE B 95 1.34 22.55 24.51
C ILE B 95 1.72 23.96 24.99
N SER B 96 1.91 24.91 24.07
CA SER B 96 2.31 26.29 24.40
C SER B 96 1.15 27.19 24.86
N SER B 97 -0.11 26.76 24.71
CA SER B 97 -1.24 27.30 25.46
C SER B 97 -2.35 26.25 25.59
N PRO B 98 -3.25 26.37 26.57
CA PRO B 98 -4.61 25.84 26.50
C PRO B 98 -5.48 26.64 25.51
N GLU B 99 -6.72 26.19 25.34
CA GLU B 99 -7.79 26.83 24.55
C GLU B 99 -9.17 26.27 24.99
N SER B 100 -10.26 26.96 24.68
CA SER B 100 -11.63 26.54 25.05
C SER B 100 -11.98 25.11 24.57
N GLU B 101 -11.67 24.80 23.31
CA GLU B 101 -11.79 23.46 22.73
C GLU B 101 -10.73 22.48 23.24
N ASP B 102 -9.56 22.99 23.63
CA ASP B 102 -8.45 22.11 24.07
C ASP B 102 -8.78 21.50 25.44
N PHE B 103 -9.76 22.08 26.15
CA PHE B 103 -10.17 21.51 27.46
C PHE B 103 -11.04 20.28 27.20
N ALA B 104 -10.39 19.15 26.90
CA ALA B 104 -11.14 17.90 26.58
C ALA B 104 -10.31 16.67 27.01
N ASP B 105 -10.66 15.49 26.50
CA ASP B 105 -9.94 14.25 26.88
C ASP B 105 -8.83 13.97 25.86
N TYR B 106 -7.69 13.45 26.31
CA TYR B 106 -6.54 13.17 25.40
C TYR B 106 -6.16 11.70 25.49
N TYR B 107 -5.75 11.10 24.36
CA TYR B 107 -5.40 9.68 24.31
C TYR B 107 -4.12 9.43 23.51
N CYS B 108 -3.30 8.48 23.94
CA CYS B 108 -2.21 7.92 23.14
C CYS B 108 -2.62 6.56 22.53
N LEU B 109 -2.26 6.36 21.26
CA LEU B 109 -2.55 5.07 20.58
C LEU B 109 -1.25 4.31 20.37
N GLN B 110 -1.22 3.01 20.69
CA GLN B 110 -0.01 2.20 20.41
C GLN B 110 -0.22 1.46 19.09
N TYR B 111 0.08 2.12 17.96
CA TYR B 111 -0.05 1.46 16.63
C TYR B 111 1.26 0.73 16.34
N ALA B 112 2.13 0.62 17.35
CA ALA B 112 3.45 -0.04 17.15
C ALA B 112 3.24 -1.47 16.64
N SER B 113 2.22 -2.17 17.16
CA SER B 113 1.95 -3.56 16.72
C SER B 113 0.47 -3.90 16.90
N TYR B 114 -0.05 -4.83 16.09
CA TYR B 114 -1.46 -5.28 16.25
C TYR B 114 -1.52 -6.25 17.44
N PRO B 115 -2.68 -6.45 18.10
CA PRO B 115 -3.78 -5.47 18.08
C PRO B 115 -3.39 -4.09 18.61
N TRP B 116 -3.91 -3.02 17.99
CA TRP B 116 -3.62 -1.64 18.45
C TRP B 116 -4.19 -1.45 19.87
N THR B 117 -3.47 -0.71 20.71
CA THR B 117 -3.95 -0.45 22.10
C THR B 117 -3.87 1.05 22.40
N PHE B 118 -4.65 1.52 23.38
CA PHE B 118 -4.62 2.93 23.78
C PHE B 118 -4.33 3.06 25.27
N GLY B 119 -3.76 4.20 25.67
CA GLY B 119 -3.79 4.64 27.07
C GLY B 119 -5.22 4.90 27.56
N GLY B 120 -5.43 4.92 28.89
CA GLY B 120 -6.75 5.12 29.49
C GLY B 120 -7.41 6.47 29.19
N GLY B 121 -6.66 7.43 28.63
CA GLY B 121 -7.07 8.81 28.42
C GLY B 121 -6.79 9.73 29.63
N THR B 122 -6.60 11.02 29.35
CA THR B 122 -6.42 12.09 30.35
C THR B 122 -7.32 13.27 30.01
N LYS B 123 -8.05 13.82 30.98
CA LYS B 123 -8.98 14.93 30.77
C LYS B 123 -8.35 16.28 31.16
N LEU B 124 -8.41 17.28 30.29
CA LEU B 124 -7.85 18.62 30.52
C LEU B 124 -8.97 19.62 30.82
N GLU B 125 -8.91 20.31 31.95
CA GLU B 125 -10.03 21.10 32.49
C GLU B 125 -9.63 22.49 33.01
N ILE B 126 -10.61 23.39 33.10
CA ILE B 126 -10.49 24.67 33.80
C ILE B 126 -10.58 24.42 35.32
N LYS B 127 -9.95 25.29 36.11
CA LYS B 127 -9.92 25.28 37.57
C LYS B 127 -11.28 25.58 38.23
N THR C 1 28.61 -12.17 -42.06
CA THR C 1 29.43 -13.01 -41.14
C THR C 1 28.73 -13.30 -39.81
N ASN C 2 29.51 -13.42 -38.72
CA ASN C 2 28.94 -13.78 -37.39
C ASN C 2 27.65 -13.00 -37.13
N LEU C 3 26.59 -13.71 -36.74
CA LEU C 3 25.31 -13.04 -36.41
C LEU C 3 25.19 -12.94 -34.89
N CYS C 4 24.69 -11.80 -34.40
CA CYS C 4 24.49 -11.60 -32.96
C CYS C 4 23.76 -12.78 -32.28
N PRO C 5 23.93 -12.94 -30.95
CA PRO C 5 23.32 -14.02 -30.17
C PRO C 5 21.82 -13.79 -29.86
N PHE C 6 21.02 -13.43 -30.86
CA PHE C 6 19.58 -13.30 -30.67
C PHE C 6 18.90 -14.62 -30.37
N GLY C 7 19.40 -15.75 -30.87
CA GLY C 7 18.87 -17.07 -30.53
C GLY C 7 18.89 -17.34 -29.03
N GLU C 8 19.98 -17.00 -28.35
CA GLU C 8 20.13 -17.13 -26.90
C GLU C 8 19.23 -16.17 -26.09
N VAL C 9 18.54 -15.21 -26.72
CA VAL C 9 17.55 -14.34 -26.08
C VAL C 9 16.11 -14.68 -26.48
N PHE C 10 15.82 -14.57 -27.77
CA PHE C 10 14.43 -14.78 -28.25
C PHE C 10 14.09 -16.27 -28.24
N ASN C 11 15.09 -17.12 -28.46
CA ASN C 11 14.82 -18.58 -28.59
C ASN C 11 15.47 -19.33 -27.42
N ALA C 12 15.20 -18.91 -26.17
CA ALA C 12 15.78 -19.56 -24.97
C ALA C 12 14.75 -20.48 -24.31
N THR C 13 15.10 -21.17 -23.22
CA THR C 13 14.11 -22.12 -22.66
C THR C 13 13.25 -21.43 -21.60
N ARG C 14 13.92 -20.87 -20.59
CA ARG C 14 13.20 -20.20 -19.47
C ARG C 14 13.60 -18.72 -19.38
N PHE C 15 12.66 -17.80 -19.61
CA PHE C 15 12.84 -16.36 -19.50
C PHE C 15 12.87 -15.96 -18.03
N ALA C 16 13.39 -14.79 -17.74
CA ALA C 16 13.22 -14.15 -16.44
C ALA C 16 11.75 -13.81 -16.20
N SER C 17 11.36 -13.72 -14.93
CA SER C 17 10.12 -13.04 -14.58
C SER C 17 10.32 -11.55 -14.44
N VAL C 18 9.25 -10.77 -14.58
CA VAL C 18 9.35 -9.33 -14.80
C VAL C 18 10.03 -8.56 -13.68
N TYR C 19 9.96 -9.01 -12.43
CA TYR C 19 10.69 -8.34 -11.33
C TYR C 19 12.20 -8.44 -11.45
N ALA C 20 12.70 -9.49 -12.11
CA ALA C 20 14.10 -9.89 -12.16
C ALA C 20 14.61 -9.99 -13.60
N TRP C 21 14.11 -9.12 -14.48
CA TRP C 21 14.31 -9.17 -15.92
C TRP C 21 15.78 -9.30 -16.32
N ASN C 22 16.06 -10.29 -17.17
CA ASN C 22 17.40 -10.53 -17.68
C ASN C 22 17.78 -9.42 -18.65
N ARG C 23 19.07 -9.15 -18.77
CA ARG C 23 19.66 -8.27 -19.79
C ARG C 23 20.84 -8.98 -20.44
N LYS C 24 20.90 -8.99 -21.77
CA LYS C 24 22.09 -9.40 -22.53
C LYS C 24 22.64 -8.20 -23.29
N ARG C 25 23.94 -7.94 -23.12
CA ARG C 25 24.60 -6.78 -23.78
C ARG C 25 25.12 -7.20 -25.16
N ILE C 26 24.28 -7.16 -26.17
CA ILE C 26 24.63 -7.50 -27.54
C ILE C 26 25.59 -6.44 -28.08
N SER C 27 26.81 -6.85 -28.41
CA SER C 27 27.84 -6.01 -29.02
C SER C 27 28.87 -6.87 -29.76
N ASN C 28 29.69 -6.23 -30.61
CA ASN C 28 30.74 -6.83 -31.42
C ASN C 28 30.22 -7.89 -32.42
N CYS C 29 29.05 -7.64 -33.00
CA CYS C 29 28.34 -8.58 -33.86
C CYS C 29 27.43 -7.89 -34.89
N VAL C 30 27.02 -8.61 -35.93
CA VAL C 30 26.12 -8.10 -36.97
C VAL C 30 24.69 -8.55 -36.71
N ALA C 31 23.76 -7.60 -36.66
CA ALA C 31 22.43 -7.79 -36.15
C ALA C 31 21.41 -7.82 -37.28
N ASP C 32 20.95 -9.00 -37.67
CA ASP C 32 20.03 -9.13 -38.80
C ASP C 32 18.58 -9.07 -38.35
N TYR C 33 18.12 -7.87 -38.02
CA TYR C 33 16.75 -7.62 -37.61
C TYR C 33 15.70 -8.00 -38.66
N SER C 34 16.08 -8.24 -39.92
CA SER C 34 15.15 -8.76 -40.93
C SER C 34 14.62 -10.15 -40.58
N VAL C 35 15.41 -10.96 -39.87
CA VAL C 35 15.01 -12.25 -39.32
C VAL C 35 13.87 -12.07 -38.31
N LEU C 36 13.96 -11.03 -37.48
CA LEU C 36 12.97 -10.72 -36.48
C LEU C 36 11.70 -10.15 -37.10
N TYR C 37 11.80 -9.06 -37.86
CA TYR C 37 10.63 -8.32 -38.33
C TYR C 37 9.76 -9.13 -39.30
N ASN C 38 10.36 -10.03 -40.09
CA ASN C 38 9.62 -10.92 -40.99
C ASN C 38 9.00 -12.13 -40.26
N SER C 39 9.27 -12.34 -38.97
CA SER C 39 8.76 -13.52 -38.28
C SER C 39 7.25 -13.45 -38.05
N ALA C 40 6.54 -14.47 -38.51
CA ALA C 40 5.11 -14.64 -38.22
C ALA C 40 4.82 -14.91 -36.73
N SER C 41 5.83 -15.22 -35.91
CA SER C 41 5.61 -15.61 -34.52
C SER C 41 5.22 -14.45 -33.60
N PHE C 42 5.60 -13.21 -33.91
CA PHE C 42 5.41 -12.08 -33.01
C PHE C 42 4.01 -11.46 -33.08
N SER C 43 3.51 -11.02 -31.94
CA SER C 43 2.22 -10.30 -31.82
C SER C 43 2.37 -8.79 -31.98
N THR C 44 3.51 -8.28 -31.55
CA THR C 44 3.79 -6.88 -31.25
C THR C 44 5.24 -6.60 -31.61
N PHE C 45 5.53 -5.51 -32.30
CA PHE C 45 6.89 -5.12 -32.67
C PHE C 45 6.99 -3.61 -32.72
N LYS C 46 6.83 -2.97 -31.56
CA LYS C 46 6.71 -1.52 -31.46
C LYS C 46 8.08 -0.90 -31.32
N CYS C 47 8.55 -0.22 -32.36
CA CYS C 47 9.82 0.49 -32.35
C CYS C 47 9.60 1.99 -32.17
N TYR C 48 10.32 2.56 -31.21
CA TYR C 48 10.16 3.93 -30.77
C TYR C 48 11.32 4.84 -31.17
N GLY C 49 12.52 4.26 -31.32
CA GLY C 49 13.69 5.04 -31.77
C GLY C 49 13.63 5.29 -33.27
N VAL C 50 13.40 4.24 -34.06
CA VAL C 50 13.40 4.37 -35.55
C VAL C 50 12.32 3.46 -36.16
N SER C 51 11.99 3.66 -37.44
CA SER C 51 11.01 2.79 -38.13
C SER C 51 11.58 1.37 -38.24
N PRO C 52 10.82 0.30 -37.93
CA PRO C 52 11.35 -1.06 -37.94
C PRO C 52 12.14 -1.48 -39.17
N THR C 53 11.78 -1.01 -40.36
CA THR C 53 12.45 -1.47 -41.60
C THR C 53 13.93 -1.10 -41.61
N LYS C 54 14.29 0.09 -41.12
CA LYS C 54 15.65 0.66 -41.21
C LYS C 54 16.65 0.08 -40.21
N LEU C 55 16.26 -0.85 -39.35
CA LEU C 55 17.16 -1.43 -38.35
C LEU C 55 18.39 -2.14 -38.96
N ASN C 56 18.24 -2.78 -40.13
CA ASN C 56 19.37 -3.36 -40.87
C ASN C 56 20.32 -2.32 -41.52
N ASP C 57 20.02 -1.02 -41.46
CA ASP C 57 20.86 0.04 -42.03
C ASP C 57 21.73 0.74 -40.98
N LEU C 58 21.29 0.71 -39.73
CA LEU C 58 21.88 1.43 -38.59
C LEU C 58 23.09 0.71 -37.97
N CYS C 59 23.85 1.43 -37.14
CA CYS C 59 24.82 0.82 -36.24
C CYS C 59 24.88 1.55 -34.89
N PHE C 60 25.18 0.80 -33.82
CA PHE C 60 25.06 1.21 -32.43
C PHE C 60 26.29 0.81 -31.62
N THR C 61 26.48 1.41 -30.45
CA THR C 61 27.56 1.05 -29.52
C THR C 61 27.23 -0.26 -28.82
N ASN C 62 26.02 -0.39 -28.28
CA ASN C 62 25.48 -1.65 -27.79
C ASN C 62 23.96 -1.72 -27.98
N VAL C 63 23.44 -2.93 -27.99
CA VAL C 63 22.01 -3.22 -27.95
C VAL C 63 21.73 -4.05 -26.73
N TYR C 64 21.21 -3.45 -25.67
CA TYR C 64 20.79 -4.22 -24.52
C TYR C 64 19.48 -4.93 -24.85
N ALA C 65 19.46 -6.25 -24.67
CA ALA C 65 18.22 -7.04 -24.90
C ALA C 65 17.61 -7.40 -23.55
N ASP C 66 16.59 -6.65 -23.11
CA ASP C 66 15.93 -6.92 -21.80
C ASP C 66 14.84 -7.99 -22.02
N SER C 67 14.86 -9.07 -21.24
CA SER C 67 13.89 -10.18 -21.49
C SER C 67 13.06 -10.50 -20.25
N PHE C 68 11.75 -10.70 -20.43
CA PHE C 68 10.84 -11.06 -19.33
C PHE C 68 9.49 -11.63 -19.79
N VAL C 69 8.78 -12.30 -18.90
CA VAL C 69 7.40 -12.76 -19.08
C VAL C 69 6.43 -11.89 -18.30
N ILE C 70 5.36 -11.46 -18.95
CA ILE C 70 4.23 -10.72 -18.39
C ILE C 70 2.91 -11.21 -18.96
N ARG C 71 1.81 -10.67 -18.44
CA ARG C 71 0.46 -11.07 -18.94
C ARG C 71 0.17 -10.39 -20.27
N GLY C 72 -0.68 -11.02 -21.09
CA GLY C 72 -1.05 -10.48 -22.39
C GLY C 72 -1.78 -9.13 -22.36
N ASP C 73 -2.35 -8.74 -21.23
CA ASP C 73 -2.86 -7.37 -21.03
C ASP C 73 -1.76 -6.36 -20.68
N GLU C 74 -0.67 -6.82 -20.10
CA GLU C 74 0.39 -5.97 -19.56
C GLU C 74 1.47 -5.61 -20.59
N VAL C 75 1.50 -6.36 -21.69
CA VAL C 75 2.52 -6.11 -22.76
C VAL C 75 2.46 -4.63 -23.16
N ARG C 76 1.26 -4.05 -23.18
CA ARG C 76 1.10 -2.62 -23.56
C ARG C 76 1.90 -1.74 -22.61
N GLN C 77 1.83 -2.02 -21.31
CA GLN C 77 2.51 -1.17 -20.30
C GLN C 77 4.00 -1.05 -20.63
N ILE C 78 4.53 -1.94 -21.48
CA ILE C 78 5.99 -1.89 -21.73
C ILE C 78 6.39 -0.73 -22.65
N ALA C 79 5.48 -0.20 -23.47
CA ALA C 79 5.69 1.02 -24.24
C ALA C 79 6.11 2.22 -23.35
N PRO C 80 6.92 3.16 -23.86
CA PRO C 80 7.38 4.30 -23.08
C PRO C 80 6.23 5.24 -22.71
N GLY C 81 6.28 5.78 -21.49
CA GLY C 81 5.25 6.75 -21.06
C GLY C 81 3.99 6.07 -20.57
N GLN C 82 3.97 4.73 -20.55
CA GLN C 82 2.76 3.99 -20.10
C GLN C 82 2.70 3.96 -18.58
N THR C 83 1.50 3.75 -18.02
CA THR C 83 1.31 3.70 -16.55
C THR C 83 0.67 2.37 -16.17
N GLY C 84 0.89 1.88 -14.95
CA GLY C 84 0.35 0.59 -14.53
C GLY C 84 1.38 -0.23 -13.77
N LYS C 85 0.97 -1.27 -13.04
CA LYS C 85 1.86 -1.99 -12.11
C LYS C 85 3.11 -2.59 -12.76
N ILE C 86 3.07 -2.96 -14.04
CA ILE C 86 4.28 -3.39 -14.74
C ILE C 86 5.14 -2.19 -15.12
N ALA C 87 4.56 -1.17 -15.74
CA ALA C 87 5.28 0.05 -16.12
C ALA C 87 5.86 0.83 -14.94
N ASP C 88 5.36 0.65 -13.72
CA ASP C 88 5.72 1.46 -12.55
C ASP C 88 6.48 0.72 -11.48
N TYR C 89 6.16 -0.55 -11.19
CA TYR C 89 6.80 -1.31 -10.13
C TYR C 89 7.70 -2.45 -10.63
N ASN C 90 7.78 -2.72 -11.94
CA ASN C 90 8.53 -3.86 -12.47
C ASN C 90 9.54 -3.54 -13.60
N TYR C 91 9.11 -2.89 -14.69
CA TYR C 91 9.97 -2.58 -15.83
C TYR C 91 9.54 -1.29 -16.53
N LYS C 92 10.31 -0.20 -16.37
CA LYS C 92 9.93 1.12 -16.89
C LYS C 92 10.86 1.58 -18.00
N LEU C 93 10.28 1.98 -19.14
CA LEU C 93 11.03 2.61 -20.22
C LEU C 93 11.02 4.13 -20.13
N PRO C 94 12.11 4.80 -20.53
CA PRO C 94 12.21 6.26 -20.49
C PRO C 94 11.41 6.90 -21.61
N ASP C 95 11.07 8.18 -21.42
CA ASP C 95 10.25 8.98 -22.33
C ASP C 95 10.83 9.09 -23.75
N ASP C 96 12.13 8.89 -23.91
CA ASP C 96 12.87 8.92 -25.17
C ASP C 96 13.51 7.56 -25.48
N PHE C 97 12.86 6.46 -25.08
CA PHE C 97 13.29 5.10 -25.40
C PHE C 97 13.58 4.92 -26.90
N THR C 98 14.85 4.71 -27.23
CA THR C 98 15.33 4.66 -28.61
C THR C 98 15.55 3.21 -29.02
N GLY C 99 14.49 2.41 -29.00
CA GLY C 99 14.56 0.95 -29.12
C GLY C 99 13.27 0.30 -29.62
N CYS C 100 13.15 -1.03 -29.50
CA CYS C 100 11.99 -1.80 -29.92
C CYS C 100 11.47 -2.75 -28.83
N VAL C 101 10.17 -2.87 -28.67
CA VAL C 101 9.49 -3.84 -27.79
C VAL C 101 8.88 -4.92 -28.64
N ILE C 102 9.26 -6.18 -28.41
CA ILE C 102 8.84 -7.31 -29.22
C ILE C 102 8.20 -8.34 -28.31
N ALA C 103 7.04 -8.87 -28.65
CA ALA C 103 6.32 -9.77 -27.76
C ALA C 103 5.53 -10.85 -28.45
N TRP C 104 5.41 -12.02 -27.84
CA TRP C 104 4.66 -13.15 -28.38
C TRP C 104 3.95 -13.96 -27.31
N ASN C 105 2.74 -14.38 -27.64
CA ASN C 105 1.97 -15.33 -26.84
C ASN C 105 2.80 -16.61 -26.67
N SER C 106 3.10 -16.96 -25.43
CA SER C 106 3.98 -18.06 -25.07
C SER C 106 3.27 -19.11 -24.23
N ASN C 107 1.94 -19.06 -24.25
CA ASN C 107 1.12 -20.01 -23.45
C ASN C 107 1.51 -21.44 -23.80
N ASN C 108 2.20 -21.63 -24.93
CA ASN C 108 2.56 -23.00 -25.39
C ASN C 108 3.43 -23.70 -24.35
N LEU C 109 4.38 -22.98 -23.73
CA LEU C 109 5.31 -23.65 -22.78
C LEU C 109 5.27 -22.97 -21.41
N ASP C 110 4.96 -21.67 -21.35
CA ASP C 110 5.00 -20.94 -20.05
C ASP C 110 3.79 -21.33 -19.21
N SER C 111 2.86 -22.11 -19.77
CA SER C 111 1.72 -22.59 -18.99
C SER C 111 1.80 -24.09 -18.69
N LYS C 112 1.62 -24.45 -17.40
CA LYS C 112 1.52 -25.82 -16.88
C LYS C 112 0.05 -26.21 -16.72
N VAL C 113 -0.29 -27.49 -16.88
CA VAL C 113 -1.69 -27.97 -16.99
C VAL C 113 -2.58 -27.64 -15.79
N GLY C 114 -2.07 -27.73 -14.57
CA GLY C 114 -2.78 -27.34 -13.34
C GLY C 114 -2.60 -25.87 -12.94
N GLY C 115 -1.99 -25.07 -13.82
CA GLY C 115 -1.50 -23.72 -13.54
C GLY C 115 0.00 -23.67 -13.24
N ASN C 116 0.67 -22.65 -13.77
CA ASN C 116 2.08 -22.33 -13.48
C ASN C 116 2.16 -21.13 -12.51
N TYR C 117 3.09 -21.21 -11.56
CA TYR C 117 3.33 -20.21 -10.52
C TYR C 117 4.79 -19.74 -10.43
N ASN C 118 5.65 -20.11 -11.39
CA ASN C 118 7.09 -19.80 -11.35
C ASN C 118 7.41 -18.32 -11.63
N TYR C 119 6.52 -17.60 -12.30
CA TYR C 119 6.74 -16.21 -12.70
C TYR C 119 6.08 -15.26 -11.71
N LEU C 120 6.89 -14.42 -11.05
CA LEU C 120 6.45 -13.40 -10.11
C LEU C 120 6.59 -11.99 -10.67
N TYR C 121 5.67 -11.11 -10.26
CA TYR C 121 5.67 -9.68 -10.52
C TYR C 121 5.44 -8.93 -9.21
N ARG C 122 6.04 -7.75 -9.06
CA ARG C 122 5.89 -6.88 -7.90
C ARG C 122 4.54 -6.19 -7.99
N LEU C 123 3.64 -6.48 -7.06
CA LEU C 123 2.37 -5.77 -6.96
C LEU C 123 2.52 -4.48 -6.14
N PHE C 124 3.50 -4.42 -5.23
CA PHE C 124 3.68 -3.30 -4.31
C PHE C 124 5.12 -2.78 -4.21
N ARG C 125 5.24 -1.45 -4.13
CA ARG C 125 6.57 -0.76 -4.00
C ARG C 125 6.33 0.66 -3.44
N LYS C 126 7.22 1.17 -2.57
CA LYS C 126 7.06 2.51 -1.94
C LYS C 126 7.04 3.67 -2.95
N SER C 127 7.67 3.47 -4.10
CA SER C 127 7.76 4.43 -5.21
C SER C 127 7.86 3.66 -6.52
N ASN C 128 7.40 4.28 -7.61
CA ASN C 128 7.71 3.80 -8.95
C ASN C 128 9.23 3.66 -9.11
N LEU C 129 9.69 2.63 -9.81
CA LEU C 129 11.11 2.48 -10.13
C LEU C 129 11.51 3.38 -11.30
N LYS C 130 12.76 3.83 -11.30
CA LYS C 130 13.32 4.74 -12.32
C LYS C 130 13.58 3.97 -13.62
N PRO C 131 13.62 4.61 -14.80
CA PRO C 131 13.78 3.91 -16.07
C PRO C 131 14.96 2.94 -16.09
N PHE C 132 14.71 1.72 -16.56
CA PHE C 132 15.62 0.58 -16.54
C PHE C 132 16.17 0.15 -15.17
N GLU C 133 15.57 0.51 -14.05
CA GLU C 133 15.89 -0.17 -12.77
C GLU C 133 15.29 -1.58 -12.74
N ARG C 134 15.82 -2.38 -11.80
CA ARG C 134 15.32 -3.75 -11.54
C ARG C 134 15.40 -3.97 -10.02
N ASP C 135 14.31 -4.40 -9.36
CA ASP C 135 14.28 -4.53 -7.90
C ASP C 135 14.00 -5.97 -7.47
N ILE C 136 15.09 -6.71 -7.26
CA ILE C 136 15.08 -8.08 -6.77
C ILE C 136 14.56 -8.19 -5.33
N SER C 137 14.54 -7.08 -4.56
CA SER C 137 14.31 -7.14 -3.11
C SER C 137 12.96 -7.73 -2.76
N THR C 138 13.00 -8.71 -1.85
CA THR C 138 11.83 -9.38 -1.26
C THR C 138 11.44 -8.76 0.09
N GLU C 139 12.11 -7.67 0.48
CA GLU C 139 11.83 -7.04 1.81
C GLU C 139 10.33 -6.89 2.03
N ILE C 140 9.81 -7.38 3.16
CA ILE C 140 8.34 -7.34 3.44
C ILE C 140 7.81 -5.91 3.23
N TYR C 141 6.60 -5.78 2.68
CA TYR C 141 6.06 -4.44 2.34
C TYR C 141 5.41 -3.76 3.55
N GLN C 142 5.64 -2.45 3.72
CA GLN C 142 5.02 -1.68 4.78
C GLN C 142 3.66 -1.13 4.33
N ALA C 143 2.66 -2.01 4.27
CA ALA C 143 1.32 -1.58 3.77
C ALA C 143 0.48 -1.02 4.93
N GLY C 144 1.08 -0.90 6.11
CA GLY C 144 0.33 -0.40 7.29
C GLY C 144 1.18 0.48 8.18
N SER C 145 0.54 1.28 9.03
CA SER C 145 1.29 2.14 9.99
C SER C 145 2.19 1.26 10.85
N THR C 146 1.66 0.12 11.30
CA THR C 146 2.44 -0.81 12.17
C THR C 146 3.69 -1.28 11.44
N PRO C 147 4.90 -1.11 12.01
CA PRO C 147 6.14 -1.61 11.42
C PRO C 147 6.14 -3.14 11.28
N CYS C 148 6.39 -3.63 10.07
CA CYS C 148 6.44 -5.06 9.75
C CYS C 148 7.69 -5.78 10.28
N ASN C 149 7.77 -5.88 11.61
CA ASN C 149 8.94 -6.55 12.23
C ASN C 149 8.81 -8.07 12.00
N GLY C 150 7.57 -8.59 12.04
CA GLY C 150 7.34 -10.02 11.78
C GLY C 150 7.51 -10.36 10.31
N VAL C 151 7.86 -11.62 10.01
CA VAL C 151 8.09 -12.05 8.61
C VAL C 151 6.81 -11.81 7.80
N GLU C 152 5.64 -12.10 8.39
CA GLU C 152 4.35 -11.84 7.70
C GLU C 152 3.33 -11.31 8.71
N GLY C 153 2.30 -10.60 8.24
CA GLY C 153 1.28 -10.04 9.14
C GLY C 153 0.30 -9.16 8.37
N PHE C 154 -0.62 -8.49 9.09
CA PHE C 154 -1.57 -7.58 8.42
C PHE C 154 -0.79 -6.48 7.69
N ASN C 155 -1.17 -6.18 6.44
CA ASN C 155 -0.50 -5.10 5.68
C ASN C 155 1.02 -5.31 5.71
N CYS C 156 1.46 -6.56 5.65
CA CYS C 156 2.85 -6.85 5.62
C CYS C 156 2.94 -7.83 4.51
N TYR C 157 2.47 -7.41 3.35
CA TYR C 157 2.49 -8.20 2.14
C TYR C 157 3.85 -8.55 1.59
N PHE C 158 3.87 -9.53 0.72
CA PHE C 158 5.08 -9.88 0.03
C PHE C 158 5.02 -8.93 -1.14
N PRO C 159 6.04 -8.07 -1.38
CA PRO C 159 5.94 -7.07 -2.44
C PRO C 159 5.77 -7.78 -3.78
N LEU C 160 5.87 -9.11 -3.78
CA LEU C 160 5.82 -9.87 -5.05
C LEU C 160 4.75 -10.98 -4.95
N GLN C 161 3.81 -11.00 -5.90
CA GLN C 161 2.85 -12.13 -5.93
C GLN C 161 3.05 -12.85 -7.27
N SER C 162 2.46 -14.02 -7.46
CA SER C 162 2.74 -14.81 -8.68
C SER C 162 1.59 -14.74 -9.68
N TYR C 163 1.89 -14.82 -10.97
CA TYR C 163 0.87 -14.83 -12.02
C TYR C 163 -0.02 -16.07 -11.93
N GLY C 164 -1.23 -15.98 -12.47
CA GLY C 164 -2.06 -17.14 -12.79
C GLY C 164 -2.03 -17.45 -14.29
N PHE C 165 -1.19 -18.41 -14.69
CA PHE C 165 -1.10 -18.79 -16.13
C PHE C 165 -1.64 -20.20 -16.34
N GLN C 166 -2.77 -20.33 -17.03
CA GLN C 166 -3.38 -21.66 -17.31
C GLN C 166 -3.65 -21.77 -18.81
N PRO C 167 -3.58 -22.96 -19.43
CA PRO C 167 -3.75 -23.10 -20.87
C PRO C 167 -5.09 -22.52 -21.35
N THR C 168 -6.16 -22.74 -20.59
CA THR C 168 -7.50 -22.26 -21.00
C THR C 168 -7.78 -20.79 -20.65
N ASN C 169 -6.81 -20.05 -20.09
CA ASN C 169 -6.97 -18.61 -19.85
C ASN C 169 -7.23 -17.82 -21.15
N GLY C 170 -7.89 -16.67 -21.05
CA GLY C 170 -8.08 -15.78 -22.19
C GLY C 170 -6.78 -15.09 -22.62
N VAL C 171 -6.72 -14.64 -23.86
CA VAL C 171 -5.71 -13.68 -24.32
C VAL C 171 -5.82 -12.43 -23.44
N GLY C 172 -4.81 -12.22 -22.60
CA GLY C 172 -4.86 -11.28 -21.48
C GLY C 172 -4.33 -11.89 -20.18
N TYR C 173 -4.80 -13.10 -19.87
CA TYR C 173 -4.24 -13.81 -18.69
C TYR C 173 -3.28 -14.90 -19.19
N GLN C 174 -2.69 -14.67 -20.37
CA GLN C 174 -1.75 -15.66 -20.96
C GLN C 174 -0.32 -15.12 -20.88
N PRO C 175 0.71 -15.99 -20.77
CA PRO C 175 2.10 -15.52 -20.59
C PRO C 175 2.80 -15.00 -21.84
N TYR C 176 2.69 -13.71 -22.13
CA TYR C 176 3.43 -13.13 -23.25
C TYR C 176 4.88 -13.01 -22.84
N ARG C 177 5.79 -13.57 -23.63
CA ARG C 177 7.20 -13.23 -23.55
C ARG C 177 7.39 -11.87 -24.19
N VAL C 178 8.26 -11.07 -23.62
CA VAL C 178 8.66 -9.78 -24.14
C VAL C 178 10.17 -9.73 -24.15
N VAL C 179 10.73 -9.13 -25.19
CA VAL C 179 12.09 -8.64 -25.19
C VAL C 179 12.12 -7.21 -25.68
N VAL C 180 12.88 -6.38 -25.01
CA VAL C 180 13.04 -4.97 -25.34
C VAL C 180 14.46 -4.73 -25.76
N LEU C 181 14.64 -4.38 -27.02
CA LEU C 181 15.93 -4.05 -27.60
C LEU C 181 16.18 -2.57 -27.39
N SER C 182 16.99 -2.24 -26.37
CA SER C 182 17.36 -0.82 -26.13
C SER C 182 18.65 -0.49 -26.88
N PHE C 183 18.53 -0.01 -28.12
CA PHE C 183 19.72 0.38 -28.93
C PHE C 183 20.39 1.58 -28.26
N GLU C 184 21.70 1.78 -28.47
CA GLU C 184 22.39 2.87 -27.73
C GLU C 184 23.68 3.34 -28.42
N LEU C 185 23.81 4.64 -28.66
CA LEU C 185 25.04 5.22 -29.19
C LEU C 185 25.74 6.07 -28.12
N LEU C 186 27.04 5.84 -27.96
CA LEU C 186 27.83 6.60 -26.95
C LEU C 186 29.12 7.11 -27.60
N HIS C 187 30.07 7.57 -26.79
CA HIS C 187 31.38 8.04 -27.32
C HIS C 187 32.15 6.85 -27.91
N ALA C 188 31.96 5.66 -27.32
CA ALA C 188 32.65 4.44 -27.80
C ALA C 188 32.29 4.17 -29.27
N PRO C 189 33.22 3.67 -30.10
CA PRO C 189 32.96 3.42 -31.52
C PRO C 189 31.79 2.45 -31.71
N ALA C 190 31.14 2.49 -32.88
CA ALA C 190 29.98 1.64 -33.11
C ALA C 190 30.43 0.19 -33.37
N THR C 191 29.70 -0.77 -32.79
CA THR C 191 30.04 -2.20 -32.96
C THR C 191 28.88 -2.97 -33.60
N VAL C 192 27.68 -2.89 -33.01
CA VAL C 192 26.52 -3.67 -33.52
C VAL C 192 25.97 -2.99 -34.78
N CYS C 193 26.22 -3.56 -35.96
CA CYS C 193 25.78 -2.91 -37.23
C CYS C 193 25.00 -3.88 -38.12
N GLY C 194 23.96 -3.40 -38.81
CA GLY C 194 23.26 -4.22 -39.79
C GLY C 194 24.18 -4.82 -40.87
N PRO C 195 23.77 -5.93 -41.50
CA PRO C 195 24.56 -6.64 -42.49
C PRO C 195 24.61 -5.92 -43.84
N LYS C 196 25.68 -6.12 -44.61
CA LYS C 196 25.84 -5.55 -45.96
C LYS C 196 25.52 -6.59 -47.06
C1 NAG D . 13.98 -18.35 -33.53
C2 NAG D . 14.83 -17.78 -34.66
C3 NAG D . 14.18 -18.07 -36.00
C4 NAG D . 13.80 -19.54 -36.15
C5 NAG D . 12.95 -19.96 -34.94
C6 NAG D . 12.57 -21.41 -34.96
C7 NAG D . 15.59 -15.71 -33.53
C8 NAG D . 15.36 -14.22 -33.49
N2 NAG D . 15.06 -16.35 -34.57
O3 NAG D . 15.09 -17.67 -37.01
O4 NAG D . 13.03 -19.76 -37.33
O5 NAG D . 13.70 -19.73 -33.74
O6 NAG D . 11.78 -21.73 -36.10
O7 NAG D . 16.23 -16.29 -32.65
#